data_5NUT
#
_entry.id   5NUT
#
_cell.length_a   91.090
_cell.length_b   98.110
_cell.length_c   118.130
_cell.angle_alpha   90.00
_cell.angle_beta   90.00
_cell.angle_gamma   90.00
#
_symmetry.space_group_name_H-M   'C 2 2 21'
#
loop_
_entity.id
_entity.type
_entity.pdbx_description
1 polymer Tankyrase-2
2 non-polymer 'SULFATE ION'
3 non-polymer 'ZINC ION'
4 non-polymer 2-(4-propan-2-yloxyphenyl)-3~{H}-quinazolin-4-one
5 non-polymer GLYCEROL
6 water water
#
_entity_poly.entity_id   1
_entity_poly.type   'polypeptide(L)'
_entity_poly.pdbx_seq_one_letter_code
;MHHHHHHSSGVDLGTENLYFQSMLNTSGSGTILIDLSPDDKEFQSVEEEMQSTVREHRDGGHAGGIFNRYNILKIQKVCN
KKLWERYTHRRKEVSEENHNHANERMLFHGSPFVNAIIHKGFDERHAYIGGMFGAGIYFAENSSKSNQYVYGIGGGTGCP
VHKDRSCYICHRQLLFCRVTLGKSFLQFSAMKMAHSPPGHHSVTGRPSVNGLALAEYVIYRGEQAYPEYLITYQIMRPEG
;
_entity_poly.pdbx_strand_id   A,B
#
loop_
_chem_comp.id
_chem_comp.type
_chem_comp.name
_chem_comp.formula
9A8 non-polymer 2-(4-propan-2-yloxyphenyl)-3~{H}-quinazolin-4-one 'C17 H16 N2 O2'
GOL non-polymer GLYCEROL 'C3 H8 O3'
SO4 non-polymer 'SULFATE ION' 'O4 S -2'
ZN non-polymer 'ZINC ION' 'Zn 2'
#
# COMPACT_ATOMS: atom_id res chain seq x y z
N GLY A 30 -27.00 2.49 25.75
CA GLY A 30 -28.23 1.75 25.39
C GLY A 30 -28.05 0.58 24.42
N THR A 31 -26.85 0.01 24.36
CA THR A 31 -26.60 -1.14 23.50
C THR A 31 -26.89 -2.45 24.24
N ILE A 32 -27.65 -3.33 23.60
CA ILE A 32 -27.72 -4.73 24.02
C ILE A 32 -27.22 -5.62 22.89
N LEU A 33 -26.62 -6.74 23.29
CA LEU A 33 -26.09 -7.74 22.37
C LEU A 33 -26.94 -8.99 22.43
N ILE A 34 -27.46 -9.42 21.29
CA ILE A 34 -28.29 -10.63 21.23
C ILE A 34 -27.54 -11.74 20.51
N ASP A 35 -27.32 -12.84 21.20
CA ASP A 35 -26.64 -14.01 20.61
C ASP A 35 -27.49 -14.64 19.56
N LEU A 36 -26.89 -14.95 18.43
CA LEU A 36 -27.56 -15.74 17.40
C LEU A 36 -27.20 -17.20 17.58
N SER A 37 -28.19 -18.06 17.38
CA SER A 37 -27.94 -19.49 17.38
C SER A 37 -27.20 -19.88 16.11
N PRO A 38 -26.25 -20.83 16.19
CA PRO A 38 -25.66 -21.37 14.97
C PRO A 38 -26.65 -22.03 14.00
N ASP A 39 -27.82 -22.44 14.50
CA ASP A 39 -28.90 -22.97 13.65
C ASP A 39 -29.68 -21.88 12.89
N ASP A 40 -29.50 -20.62 13.25
CA ASP A 40 -30.23 -19.49 12.66
C ASP A 40 -29.64 -19.20 11.29
N LYS A 41 -30.50 -18.98 10.30
CA LYS A 41 -30.07 -18.66 8.92
CA LYS A 41 -30.02 -18.70 8.94
C LYS A 41 -29.20 -17.40 8.89
N GLU A 42 -29.52 -16.46 9.79
CA GLU A 42 -28.79 -15.21 9.92
C GLU A 42 -27.35 -15.41 10.41
N PHE A 43 -27.17 -16.28 11.39
CA PHE A 43 -25.83 -16.69 11.82
C PHE A 43 -25.06 -17.28 10.64
N GLN A 44 -25.72 -18.19 9.91
CA GLN A 44 -25.07 -18.95 8.86
C GLN A 44 -24.64 -18.06 7.69
N SER A 45 -25.47 -17.08 7.35
CA SER A 45 -25.16 -16.19 6.24
C SER A 45 -24.02 -15.23 6.62
N VAL A 46 -23.98 -14.76 7.87
CA VAL A 46 -22.87 -13.90 8.35
C VAL A 46 -21.58 -14.72 8.42
N GLU A 47 -21.65 -15.94 8.97
CA GLU A 47 -20.46 -16.80 9.00
C GLU A 47 -19.94 -17.03 7.59
N GLU A 48 -20.83 -17.31 6.63
CA GLU A 48 -20.39 -17.58 5.26
C GLU A 48 -19.65 -16.37 4.66
N GLU A 49 -20.14 -15.15 4.91
CA GLU A 49 -19.46 -13.94 4.42
CA GLU A 49 -19.45 -13.95 4.42
C GLU A 49 -18.07 -13.79 5.05
N MET A 50 -17.99 -14.06 6.35
CA MET A 50 -16.72 -14.04 7.06
C MET A 50 -15.72 -15.05 6.45
N GLN A 51 -16.15 -16.30 6.28
CA GLN A 51 -15.23 -17.35 5.85
C GLN A 51 -14.83 -17.21 4.38
N SER A 52 -15.80 -16.87 3.54
CA SER A 52 -15.60 -16.87 2.09
C SER A 52 -14.81 -15.68 1.59
N THR A 53 -14.57 -14.68 2.43
CA THR A 53 -13.82 -13.48 2.04
C THR A 53 -12.41 -13.43 2.67
N VAL A 54 -11.92 -14.55 3.17
CA VAL A 54 -10.51 -14.69 3.53
C VAL A 54 -9.68 -14.75 2.24
N ARG A 55 -8.57 -14.03 2.24
CA ARG A 55 -7.57 -14.15 1.18
C ARG A 55 -6.19 -14.13 1.78
N GLU A 56 -5.20 -14.46 0.96
CA GLU A 56 -3.80 -14.26 1.32
C GLU A 56 -3.43 -12.77 1.19
N HIS A 57 -2.53 -12.35 2.06
CA HIS A 57 -2.11 -10.95 2.14
C HIS A 57 -0.66 -10.82 1.75
N ARG A 58 -0.33 -9.66 1.20
CA ARG A 58 1.00 -9.41 0.63
C ARG A 58 2.11 -9.41 1.69
N ASP A 59 1.72 -9.23 2.95
CA ASP A 59 2.66 -9.32 4.07
C ASP A 59 2.99 -10.73 4.56
N GLY A 60 2.51 -11.76 3.88
CA GLY A 60 2.73 -13.14 4.28
C GLY A 60 2.14 -13.52 5.63
N GLY A 61 1.19 -12.73 6.12
CA GLY A 61 0.58 -12.95 7.44
C GLY A 61 1.14 -12.13 8.59
N HIS A 62 2.06 -11.20 8.29
CA HIS A 62 2.73 -10.42 9.33
C HIS A 62 1.76 -9.71 10.26
N ALA A 63 0.79 -9.00 9.68
CA ALA A 63 -0.13 -8.19 10.47
C ALA A 63 -1.22 -9.00 11.14
N GLY A 64 -1.87 -9.86 10.37
CA GLY A 64 -3.09 -10.55 10.82
C GLY A 64 -2.92 -12.01 11.20
N GLY A 65 -1.75 -12.58 10.92
CA GLY A 65 -1.51 -14.00 11.14
C GLY A 65 -1.64 -14.87 9.90
N ILE A 66 -1.23 -16.12 10.04
CA ILE A 66 -1.28 -17.10 8.96
C ILE A 66 -2.49 -18.01 9.17
N PHE A 67 -3.43 -17.98 8.23
CA PHE A 67 -4.66 -18.76 8.32
C PHE A 67 -5.39 -18.72 6.99
N ASN A 68 -6.18 -19.76 6.74
CA ASN A 68 -7.10 -19.83 5.62
C ASN A 68 -8.57 -19.75 6.01
N ARG A 69 -8.85 -19.95 7.29
CA ARG A 69 -10.22 -19.91 7.78
C ARG A 69 -10.24 -19.58 9.27
N TYR A 70 -11.45 -19.36 9.77
CA TYR A 70 -11.68 -19.03 11.17
C TYR A 70 -12.46 -20.11 11.89
N ASN A 71 -12.32 -20.10 13.20
CA ASN A 71 -13.22 -20.81 14.11
C ASN A 71 -14.15 -19.72 14.66
N ILE A 72 -15.39 -19.71 14.21
CA ILE A 72 -16.37 -18.73 14.68
C ILE A 72 -16.89 -19.19 16.04
N LEU A 73 -16.74 -18.35 17.06
CA LEU A 73 -17.12 -18.68 18.43
C LEU A 73 -18.52 -18.15 18.77
N LYS A 74 -18.82 -16.94 18.31
CA LYS A 74 -20.09 -16.31 18.59
C LYS A 74 -20.40 -15.25 17.54
N ILE A 75 -21.68 -15.09 17.22
CA ILE A 75 -22.17 -13.95 16.44
C ILE A 75 -23.32 -13.30 17.19
N GLN A 76 -23.16 -12.02 17.49
CA GLN A 76 -24.17 -11.25 18.22
C GLN A 76 -24.70 -10.08 17.40
N LYS A 77 -26.01 -9.88 17.46
CA LYS A 77 -26.64 -8.70 16.86
CA LYS A 77 -26.65 -8.70 16.86
C LYS A 77 -26.47 -7.54 17.82
N VAL A 78 -26.08 -6.39 17.28
CA VAL A 78 -25.88 -5.18 18.08
C VAL A 78 -27.13 -4.34 17.97
N CYS A 79 -27.81 -4.11 19.09
CA CYS A 79 -29.09 -3.38 19.13
C CYS A 79 -28.97 -2.12 19.93
N ASN A 80 -29.12 -0.99 19.26
CA ASN A 80 -29.11 0.31 19.91
C ASN A 80 -30.00 1.24 19.09
N LYS A 81 -31.13 1.61 19.67
CA LYS A 81 -32.15 2.43 18.99
C LYS A 81 -31.60 3.78 18.53
N LYS A 82 -30.94 4.50 19.43
CA LYS A 82 -30.40 5.82 19.11
C LYS A 82 -29.35 5.76 17.99
N LEU A 83 -28.42 4.80 18.06
CA LEU A 83 -27.41 4.67 17.01
C LEU A 83 -28.00 4.26 15.67
N TRP A 84 -29.02 3.39 15.70
CA TRP A 84 -29.72 3.00 14.47
C TRP A 84 -30.42 4.21 13.84
N GLU A 85 -31.09 5.01 14.66
CA GLU A 85 -31.79 6.18 14.14
C GLU A 85 -30.82 7.24 13.60
N ARG A 86 -29.65 7.37 14.23
CA ARG A 86 -28.56 8.20 13.71
C ARG A 86 -28.16 7.72 12.32
N TYR A 87 -27.98 6.41 12.19
CA TYR A 87 -27.61 5.83 10.90
C TYR A 87 -28.68 6.06 9.81
N THR A 88 -29.95 5.74 10.13
CA THR A 88 -31.02 5.84 9.12
C THR A 88 -31.31 7.29 8.72
N HIS A 89 -31.10 8.22 9.66
CA HIS A 89 -31.25 9.65 9.38
C HIS A 89 -30.23 10.08 8.32
N ARG A 90 -28.97 9.72 8.53
CA ARG A 90 -27.92 10.03 7.57
C ARG A 90 -28.15 9.31 6.23
N ARG A 91 -28.60 8.06 6.29
CA ARG A 91 -28.84 7.26 5.10
C ARG A 91 -29.87 7.93 4.18
N LYS A 92 -30.93 8.45 4.79
CA LYS A 92 -31.96 9.20 4.05
C LYS A 92 -31.40 10.47 3.40
N GLU A 93 -30.57 11.22 4.12
CA GLU A 93 -29.91 12.41 3.56
C GLU A 93 -29.06 12.06 2.34
N VAL A 94 -28.26 10.99 2.46
CA VAL A 94 -27.41 10.56 1.36
C VAL A 94 -28.27 10.10 0.19
N SER A 95 -29.25 9.25 0.48
CA SER A 95 -30.15 8.73 -0.55
C SER A 95 -30.79 9.88 -1.35
N GLU A 96 -31.26 10.90 -0.64
CA GLU A 96 -31.89 12.05 -1.31
C GLU A 96 -30.93 12.88 -2.18
N GLU A 97 -29.63 12.83 -1.87
CA GLU A 97 -28.58 13.46 -2.66
C GLU A 97 -28.07 12.59 -3.82
N ASN A 98 -28.61 11.39 -3.96
CA ASN A 98 -28.08 10.41 -4.90
C ASN A 98 -29.22 9.60 -5.52
N HIS A 99 -30.18 10.31 -6.13
CA HIS A 99 -31.32 9.69 -6.84
C HIS A 99 -31.93 8.49 -6.09
N ASN A 100 -32.22 8.73 -4.81
CA ASN A 100 -32.85 7.77 -3.93
C ASN A 100 -32.08 6.45 -3.82
N HIS A 101 -30.77 6.55 -3.79
CA HIS A 101 -29.88 5.38 -3.71
C HIS A 101 -28.83 5.60 -2.64
N ALA A 102 -29.00 4.93 -1.50
CA ALA A 102 -28.03 4.98 -0.41
C ALA A 102 -26.72 4.28 -0.75
N ASN A 103 -26.77 3.30 -1.67
CA ASN A 103 -25.62 2.48 -2.02
C ASN A 103 -25.08 1.81 -0.75
N GLU A 104 -25.97 1.08 -0.07
CA GLU A 104 -25.66 0.46 1.18
C GLU A 104 -25.01 -0.91 0.99
N ARG A 105 -23.94 -1.13 1.73
CA ARG A 105 -23.16 -2.37 1.67
C ARG A 105 -23.05 -2.96 3.07
N MET A 106 -22.72 -4.24 3.15
CA MET A 106 -22.34 -4.89 4.40
C MET A 106 -20.85 -5.17 4.32
N LEU A 107 -20.09 -4.59 5.26
CA LEU A 107 -18.62 -4.59 5.18
C LEU A 107 -18.01 -4.85 6.54
N PHE A 108 -16.78 -5.36 6.54
CA PHE A 108 -16.08 -5.66 7.77
C PHE A 108 -15.31 -4.46 8.30
N HIS A 109 -15.20 -4.41 9.64
CA HIS A 109 -14.36 -3.45 10.33
C HIS A 109 -13.65 -4.10 11.50
N GLY A 110 -12.32 -3.99 11.52
CA GLY A 110 -11.51 -4.46 12.62
C GLY A 110 -10.86 -3.27 13.30
N SER A 111 -10.79 -3.30 14.63
CA SER A 111 -10.28 -2.15 15.36
C SER A 111 -10.02 -2.52 16.80
N PRO A 112 -8.98 -1.91 17.42
CA PRO A 112 -8.86 -2.04 18.88
C PRO A 112 -10.03 -1.44 19.64
N PHE A 113 -10.80 -0.55 19.01
CA PHE A 113 -11.91 0.14 19.66
C PHE A 113 -13.29 -0.48 19.41
N VAL A 114 -13.34 -1.75 19.02
CA VAL A 114 -14.60 -2.47 18.76
CA VAL A 114 -14.64 -2.38 18.73
C VAL A 114 -15.62 -2.29 19.90
N ASN A 115 -15.14 -2.39 21.13
CA ASN A 115 -16.08 -2.30 22.26
C ASN A 115 -16.63 -0.88 22.50
N ALA A 116 -15.83 0.16 22.22
CA ALA A 116 -16.36 1.53 22.21
C ALA A 116 -17.35 1.74 21.08
N ILE A 117 -17.04 1.20 19.90
CA ILE A 117 -17.87 1.42 18.73
C ILE A 117 -19.29 0.89 18.95
N ILE A 118 -19.40 -0.30 19.52
CA ILE A 118 -20.73 -0.91 19.68
C ILE A 118 -21.60 -0.16 20.71
N HIS A 119 -20.96 0.56 21.63
CA HIS A 119 -21.68 1.30 22.68
C HIS A 119 -21.95 2.76 22.35
N LYS A 120 -21.02 3.40 21.64
CA LYS A 120 -21.12 4.84 21.37
C LYS A 120 -21.27 5.19 19.89
N GLY A 121 -21.11 4.21 19.00
CA GLY A 121 -21.19 4.44 17.55
C GLY A 121 -19.84 4.82 16.99
N PHE A 122 -19.74 4.80 15.66
CA PHE A 122 -18.55 5.28 14.99
C PHE A 122 -18.45 6.81 15.07
N ASP A 123 -17.23 7.32 15.24
CA ASP A 123 -16.96 8.76 15.21
C ASP A 123 -15.48 8.98 14.83
N GLU A 124 -15.10 10.25 14.71
CA GLU A 124 -13.70 10.66 14.44
C GLU A 124 -12.56 9.92 15.17
N ARG A 125 -12.80 9.46 16.40
CA ARG A 125 -11.81 8.69 17.16
C ARG A 125 -11.51 7.31 16.56
N HIS A 126 -12.37 6.84 15.68
CA HIS A 126 -12.20 5.52 15.05
C HIS A 126 -11.62 5.58 13.65
N ALA A 127 -11.26 6.78 13.20
CA ALA A 127 -10.65 6.99 11.89
C ALA A 127 -9.20 6.52 11.84
N TYR A 128 -8.80 6.08 10.66
CA TYR A 128 -7.41 5.73 10.38
C TYR A 128 -6.74 6.99 9.85
N ILE A 129 -6.05 7.71 10.73
CA ILE A 129 -5.54 9.03 10.38
C ILE A 129 -4.54 8.92 9.23
N GLY A 130 -3.68 7.90 9.26
CA GLY A 130 -2.67 7.70 8.21
C GLY A 130 -3.09 6.84 7.04
N GLY A 131 -4.38 6.60 6.85
CA GLY A 131 -4.85 5.76 5.77
C GLY A 131 -4.55 6.36 4.40
N MET A 132 -4.42 5.50 3.40
CA MET A 132 -4.01 5.95 2.06
C MET A 132 -5.05 6.80 1.33
N PHE A 133 -6.29 6.76 1.81
CA PHE A 133 -7.36 7.63 1.30
C PHE A 133 -7.73 8.74 2.30
N GLY A 134 -6.80 9.11 3.17
CA GLY A 134 -7.02 10.18 4.12
C GLY A 134 -7.67 9.70 5.40
N ALA A 135 -7.84 10.65 6.32
CA ALA A 135 -8.36 10.38 7.65
C ALA A 135 -9.86 10.15 7.59
N GLY A 136 -10.24 8.88 7.60
CA GLY A 136 -11.62 8.46 7.59
C GLY A 136 -11.71 7.10 8.23
N ILE A 137 -12.91 6.52 8.23
CA ILE A 137 -13.16 5.23 8.84
C ILE A 137 -13.19 4.20 7.72
N TYR A 138 -12.37 3.16 7.85
CA TYR A 138 -12.08 2.24 6.76
C TYR A 138 -12.81 0.92 6.97
N PHE A 139 -13.32 0.36 5.87
CA PHE A 139 -14.04 -0.89 5.85
C PHE A 139 -13.52 -1.78 4.71
N ALA A 140 -13.67 -3.09 4.88
CA ALA A 140 -13.19 -4.06 3.89
C ALA A 140 -14.26 -5.04 3.45
N GLU A 141 -14.23 -5.40 2.17
CA GLU A 141 -14.94 -6.59 1.69
C GLU A 141 -14.31 -7.89 2.17
N ASN A 142 -12.97 -7.93 2.25
CA ASN A 142 -12.26 -9.11 2.74
C ASN A 142 -12.24 -9.10 4.27
N SER A 143 -12.88 -10.06 4.91
CA SER A 143 -12.77 -10.15 6.38
C SER A 143 -11.30 -10.21 6.85
N SER A 144 -10.44 -10.88 6.08
CA SER A 144 -9.03 -11.02 6.46
C SER A 144 -8.27 -9.68 6.41
N LYS A 145 -8.73 -8.74 5.60
CA LYS A 145 -8.17 -7.39 5.63
C LYS A 145 -8.50 -6.70 6.97
N SER A 146 -9.77 -6.71 7.37
CA SER A 146 -10.13 -6.17 8.68
C SER A 146 -9.44 -6.90 9.86
N ASN A 147 -9.21 -8.19 9.73
CA ASN A 147 -8.49 -8.95 10.76
C ASN A 147 -7.07 -8.38 11.04
N GLN A 148 -6.47 -7.75 10.04
CA GLN A 148 -5.15 -7.13 10.20
C GLN A 148 -5.14 -5.96 11.17
N TYR A 149 -6.30 -5.41 11.52
CA TYR A 149 -6.41 -4.23 12.37
C TYR A 149 -6.98 -4.49 13.76
N VAL A 150 -7.32 -5.75 14.06
CA VAL A 150 -7.97 -6.02 15.33
CA VAL A 150 -7.91 -6.16 15.35
C VAL A 150 -7.04 -5.68 16.52
N TYR A 151 -5.73 -5.87 16.35
CA TYR A 151 -4.75 -5.53 17.39
C TYR A 151 -4.02 -4.21 17.10
N GLY A 152 -4.57 -3.41 16.19
CA GLY A 152 -4.02 -2.10 15.84
C GLY A 152 -3.50 -2.06 14.42
N ILE A 153 -2.99 -0.89 14.04
CA ILE A 153 -2.41 -0.68 12.71
C ILE A 153 -1.21 -1.62 12.56
N GLY A 154 -1.18 -2.35 11.45
CA GLY A 154 -0.15 -3.35 11.21
C GLY A 154 -0.18 -4.53 12.16
N GLY A 155 -1.31 -4.73 12.83
CA GLY A 155 -1.43 -5.74 13.87
C GLY A 155 -0.85 -5.36 15.22
N GLY A 156 -0.40 -4.11 15.38
CA GLY A 156 0.26 -3.64 16.61
C GLY A 156 1.33 -4.61 17.07
N THR A 157 1.25 -5.01 18.33
CA THR A 157 2.14 -6.02 18.91
C THR A 157 1.43 -7.37 19.07
N GLY A 158 0.32 -7.58 18.38
CA GLY A 158 -0.40 -8.82 18.47
C GLY A 158 -1.27 -8.86 19.71
N CYS A 159 -1.69 -10.06 20.09
CA CYS A 159 -2.62 -10.24 21.18
C CYS A 159 -2.01 -9.71 22.50
N PRO A 160 -2.84 -9.16 23.39
CA PRO A 160 -2.27 -8.65 24.65
C PRO A 160 -1.65 -9.73 25.55
N VAL A 161 -2.15 -10.97 25.46
CA VAL A 161 -1.70 -12.07 26.34
C VAL A 161 -0.34 -12.61 25.92
N HIS A 162 -0.17 -12.92 24.63
CA HIS A 162 1.05 -13.55 24.13
C HIS A 162 1.92 -12.66 23.23
N LYS A 163 1.47 -11.45 22.91
CA LYS A 163 2.18 -10.55 21.99
C LYS A 163 2.44 -11.21 20.63
N ASP A 164 1.44 -11.94 20.14
CA ASP A 164 1.56 -12.74 18.92
C ASP A 164 0.50 -12.28 17.91
N ARG A 165 0.93 -11.64 16.82
CA ARG A 165 -0.02 -11.24 15.77
C ARG A 165 -0.69 -12.43 15.08
N SER A 166 -0.07 -13.62 15.16
CA SER A 166 -0.66 -14.84 14.61
C SER A 166 -1.21 -15.76 15.70
N CYS A 167 -1.62 -15.21 16.84
CA CYS A 167 -2.12 -16.03 17.93
C CYS A 167 -3.34 -16.84 17.49
N TYR A 168 -3.28 -18.15 17.73
CA TYR A 168 -4.36 -19.08 17.44
C TYR A 168 -5.22 -19.38 18.68
N ILE A 169 -4.86 -18.82 19.82
CA ILE A 169 -5.54 -19.09 21.09
C ILE A 169 -6.53 -17.98 21.44
N CYS A 170 -6.07 -16.74 21.39
CA CYS A 170 -6.84 -15.60 21.86
C CYS A 170 -8.04 -15.30 20.95
N HIS A 171 -9.11 -14.86 21.60
CA HIS A 171 -10.35 -14.52 20.93
C HIS A 171 -10.26 -13.15 20.32
N ARG A 172 -10.62 -13.05 19.06
CA ARG A 172 -10.64 -11.81 18.30
C ARG A 172 -12.06 -11.42 18.03
N GLN A 173 -12.28 -10.15 17.76
CA GLN A 173 -13.60 -9.65 17.38
C GLN A 173 -13.51 -8.77 16.13
N LEU A 174 -14.47 -8.94 15.22
CA LEU A 174 -14.66 -8.05 14.07
C LEU A 174 -16.10 -7.56 14.11
N LEU A 175 -16.34 -6.41 13.50
CA LEU A 175 -17.69 -5.95 13.19
C LEU A 175 -18.05 -6.20 11.74
N PHE A 176 -19.29 -6.63 11.50
CA PHE A 176 -19.86 -6.69 10.16
C PHE A 176 -20.93 -5.61 10.14
N CYS A 177 -20.69 -4.57 9.34
CA CYS A 177 -21.36 -3.29 9.48
C CYS A 177 -22.18 -2.95 8.28
N ARG A 178 -23.27 -2.22 8.51
CA ARG A 178 -24.10 -1.68 7.45
C ARG A 178 -23.53 -0.29 7.15
N VAL A 179 -23.10 -0.07 5.91
CA VAL A 179 -22.38 1.13 5.52
C VAL A 179 -23.04 1.82 4.32
N THR A 180 -23.32 3.11 4.47
CA THR A 180 -23.86 3.93 3.38
C THR A 180 -22.71 4.54 2.60
N LEU A 181 -22.57 4.17 1.32
CA LEU A 181 -21.52 4.73 0.46
C LEU A 181 -21.95 5.95 -0.34
N GLY A 182 -23.24 6.06 -0.63
CA GLY A 182 -23.74 7.06 -1.56
C GLY A 182 -22.96 7.07 -2.87
N LYS A 183 -22.75 8.26 -3.42
CA LYS A 183 -21.83 8.46 -4.53
C LYS A 183 -20.37 8.32 -4.08
N SER A 184 -19.72 7.24 -4.52
CA SER A 184 -18.40 6.89 -4.03
C SER A 184 -17.33 7.29 -5.04
N PHE A 185 -16.28 7.95 -4.57
CA PHE A 185 -15.17 8.38 -5.40
C PHE A 185 -14.26 7.19 -5.64
N LEU A 186 -14.06 6.84 -6.92
CA LEU A 186 -13.28 5.66 -7.27
C LEU A 186 -11.80 5.99 -7.38
N GLN A 187 -11.00 5.35 -6.52
CA GLN A 187 -9.56 5.46 -6.51
C GLN A 187 -8.98 4.14 -6.96
N PHE A 188 -8.28 4.14 -8.08
CA PHE A 188 -7.59 2.96 -8.57
C PHE A 188 -6.27 3.01 -7.80
N SER A 189 -5.81 1.87 -7.27
CA SER A 189 -4.64 1.89 -6.40
C SER A 189 -4.03 0.51 -6.19
N ALA A 190 -2.73 0.48 -5.90
CA ALA A 190 -2.03 -0.76 -5.52
C ALA A 190 -2.42 -1.25 -4.12
N MET A 191 -3.02 -0.37 -3.31
CA MET A 191 -3.60 -0.70 -1.99
C MET A 191 -2.54 -1.01 -0.95
N MET A 193 -11.49 14.16 11.27
CA MET A 193 -11.48 13.46 9.94
C MET A 193 -11.38 14.45 8.78
N ALA A 194 -10.93 13.93 7.64
CA ALA A 194 -10.99 14.66 6.39
C ALA A 194 -12.45 14.72 5.92
N HIS A 195 -12.67 15.41 4.80
CA HIS A 195 -13.97 15.45 4.15
C HIS A 195 -13.95 14.49 2.97
N SER A 196 -15.13 13.98 2.62
CA SER A 196 -15.30 13.28 1.36
C SER A 196 -14.87 14.20 0.22
N PRO A 197 -14.38 13.63 -0.90
CA PRO A 197 -14.15 14.47 -2.07
C PRO A 197 -15.43 15.25 -2.43
N PRO A 198 -15.31 16.50 -2.89
CA PRO A 198 -16.54 17.25 -3.18
C PRO A 198 -17.49 16.50 -4.12
N GLY A 199 -18.78 16.53 -3.81
CA GLY A 199 -19.81 15.85 -4.60
C GLY A 199 -19.90 14.34 -4.37
N HIS A 200 -19.17 13.81 -3.37
CA HIS A 200 -19.15 12.38 -3.06
C HIS A 200 -19.43 12.14 -1.57
N HIS A 201 -19.84 10.91 -1.23
CA HIS A 201 -20.14 10.53 0.17
C HIS A 201 -19.17 9.52 0.78
N SER A 202 -18.23 9.02 -0.02
CA SER A 202 -17.27 8.00 0.39
C SER A 202 -16.21 7.88 -0.67
N VAL A 203 -15.19 7.07 -0.37
CA VAL A 203 -14.14 6.71 -1.33
C VAL A 203 -14.08 5.21 -1.42
N THR A 204 -13.91 4.71 -2.65
CA THR A 204 -13.69 3.29 -2.91
C THR A 204 -12.24 3.10 -3.31
N GLY A 205 -11.54 2.24 -2.59
CA GLY A 205 -10.20 1.85 -2.95
C GLY A 205 -10.28 0.59 -3.78
N ARG A 206 -10.15 0.75 -5.11
CA ARG A 206 -10.13 -0.38 -6.00
CA ARG A 206 -10.11 -0.38 -6.04
C ARG A 206 -8.71 -0.97 -6.10
N PRO A 207 -8.56 -2.29 -5.91
CA PRO A 207 -7.21 -2.82 -6.15
C PRO A 207 -6.84 -2.78 -7.64
N SER A 208 -5.61 -2.33 -7.95
CA SER A 208 -5.07 -2.28 -9.34
C SER A 208 -3.80 -3.11 -9.56
N VAL A 209 -3.42 -3.97 -8.60
CA VAL A 209 -2.21 -4.80 -8.69
C VAL A 209 -2.53 -6.26 -8.33
N ASN A 210 -2.97 -6.47 -7.08
CA ASN A 210 -3.35 -7.79 -6.59
C ASN A 210 -4.74 -8.14 -7.12
N GLY A 211 -4.75 -9.01 -8.13
CA GLY A 211 -5.97 -9.47 -8.74
C GLY A 211 -6.92 -10.23 -7.84
N LEU A 212 -6.46 -10.72 -6.68
CA LEU A 212 -7.37 -11.41 -5.76
C LEU A 212 -7.98 -10.52 -4.67
N ALA A 213 -7.48 -9.30 -4.49
CA ALA A 213 -7.97 -8.42 -3.42
C ALA A 213 -9.35 -7.86 -3.73
N LEU A 214 -10.22 -7.80 -2.72
CA LEU A 214 -11.48 -7.10 -2.86
C LEU A 214 -11.33 -5.62 -2.46
N ALA A 215 -12.36 -4.85 -2.74
CA ALA A 215 -12.37 -3.43 -2.49
C ALA A 215 -12.36 -3.09 -1.00
N GLU A 216 -11.88 -1.89 -0.73
CA GLU A 216 -11.90 -1.28 0.59
C GLU A 216 -12.59 0.06 0.43
N TYR A 217 -13.19 0.55 1.51
CA TYR A 217 -14.05 1.74 1.43
C TYR A 217 -13.78 2.64 2.62
N VAL A 218 -13.96 3.94 2.41
CA VAL A 218 -13.73 4.93 3.47
C VAL A 218 -14.91 5.87 3.52
N ILE A 219 -15.42 6.09 4.73
CA ILE A 219 -16.44 7.12 5.00
C ILE A 219 -15.83 8.18 5.91
N TYR A 220 -16.39 9.38 5.86
CA TYR A 220 -15.83 10.51 6.59
C TYR A 220 -16.83 11.07 7.62
N ARG A 221 -17.93 10.35 7.81
CA ARG A 221 -18.96 10.67 8.79
CA ARG A 221 -18.98 10.67 8.78
C ARG A 221 -19.29 9.37 9.51
N GLY A 222 -19.15 9.34 10.83
CA GLY A 222 -19.46 8.15 11.62
C GLY A 222 -20.90 7.68 11.49
N GLU A 223 -21.80 8.62 11.19
CA GLU A 223 -23.22 8.32 11.01
C GLU A 223 -23.52 7.48 9.77
N GLN A 224 -22.56 7.31 8.87
CA GLN A 224 -22.73 6.48 7.68
C GLN A 224 -22.41 4.99 7.88
N ALA A 225 -22.23 4.54 9.12
CA ALA A 225 -22.08 3.11 9.38
C ALA A 225 -22.79 2.73 10.67
N TYR A 226 -23.34 1.54 10.68
CA TYR A 226 -23.95 0.95 11.87
C TYR A 226 -23.30 -0.41 12.13
N PRO A 227 -22.81 -0.66 13.36
CA PRO A 227 -22.13 -1.90 13.65
C PRO A 227 -23.12 -3.04 13.93
N GLU A 228 -23.62 -3.70 12.89
CA GLU A 228 -24.77 -4.58 13.04
C GLU A 228 -24.49 -5.93 13.71
N TYR A 229 -23.33 -6.52 13.41
CA TYR A 229 -22.94 -7.80 14.00
C TYR A 229 -21.57 -7.73 14.64
N LEU A 230 -21.46 -8.32 15.83
CA LEU A 230 -20.19 -8.48 16.52
C LEU A 230 -19.83 -9.95 16.45
N ILE A 231 -18.71 -10.25 15.78
CA ILE A 231 -18.29 -11.60 15.51
C ILE A 231 -17.05 -11.92 16.36
N THR A 232 -17.15 -12.95 17.20
CA THR A 232 -16.02 -13.41 18.03
C THR A 232 -15.47 -14.69 17.42
N TYR A 233 -14.15 -14.74 17.23
CA TYR A 233 -13.53 -15.82 16.47
C TYR A 233 -12.08 -16.03 16.86
N GLN A 234 -11.55 -17.16 16.40
CA GLN A 234 -10.11 -17.40 16.34
C GLN A 234 -9.70 -17.61 14.90
N ILE A 235 -8.50 -17.18 14.56
CA ILE A 235 -7.88 -17.65 13.33
C ILE A 235 -7.43 -19.09 13.56
N MET A 236 -7.46 -19.90 12.51
CA MET A 236 -7.11 -21.33 12.61
C MET A 236 -5.77 -21.60 11.93
N ARG A 237 -4.92 -22.38 12.60
CA ARG A 237 -3.60 -22.75 12.06
C ARG A 237 -3.81 -23.69 10.88
N PRO A 238 -3.26 -23.36 9.68
CA PRO A 238 -3.38 -24.26 8.54
C PRO A 238 -2.85 -25.66 8.82
N GLU A 239 -3.53 -26.66 8.30
CA GLU A 239 -3.15 -28.06 8.50
C GLU A 239 -2.08 -28.45 7.50
N GLY B 30 7.89 -15.78 -3.56
CA GLY B 30 8.81 -15.66 -2.41
C GLY B 30 8.84 -14.30 -1.72
N THR B 31 8.23 -13.28 -2.31
CA THR B 31 8.30 -11.92 -1.77
C THR B 31 7.18 -11.68 -0.80
N ILE B 32 7.54 -11.10 0.35
CA ILE B 32 6.57 -10.48 1.25
C ILE B 32 6.91 -9.00 1.42
N LEU B 33 5.86 -8.21 1.62
CA LEU B 33 5.98 -6.77 1.79
C LEU B 33 5.57 -6.40 3.19
N ILE B 34 6.45 -5.73 3.92
CA ILE B 34 6.21 -5.33 5.31
C ILE B 34 6.04 -3.82 5.38
N ASP B 35 4.86 -3.35 5.82
CA ASP B 35 4.61 -1.91 5.95
C ASP B 35 5.48 -1.30 7.03
N LEU B 36 6.10 -0.18 6.74
CA LEU B 36 6.80 0.61 7.76
C LEU B 36 5.86 1.63 8.37
N SER B 37 5.95 1.83 9.68
CA SER B 37 5.13 2.84 10.34
C SER B 37 5.68 4.23 10.02
N PRO B 38 4.80 5.22 9.76
CA PRO B 38 5.29 6.61 9.63
C PRO B 38 6.03 7.15 10.86
N ASP B 39 5.80 6.57 12.03
CA ASP B 39 6.52 6.96 13.25
C ASP B 39 7.93 6.35 13.38
N ASP B 40 8.29 5.44 12.48
CA ASP B 40 9.57 4.74 12.45
C ASP B 40 10.61 5.61 11.77
N LYS B 41 11.79 5.70 12.36
CA LYS B 41 12.92 6.42 11.75
C LYS B 41 13.23 5.95 10.32
N GLU B 42 13.06 4.66 10.07
CA GLU B 42 13.33 4.10 8.73
C GLU B 42 12.40 4.68 7.66
N PHE B 43 11.10 4.70 7.96
CA PHE B 43 10.12 5.36 7.10
C PHE B 43 10.54 6.80 6.85
N GLN B 44 10.87 7.51 7.94
CA GLN B 44 11.17 8.93 7.87
C GLN B 44 12.40 9.21 7.02
N SER B 45 13.40 8.34 7.12
CA SER B 45 14.62 8.48 6.34
C SER B 45 14.35 8.30 4.85
N VAL B 46 13.55 7.30 4.50
CA VAL B 46 13.23 7.05 3.09
C VAL B 46 12.39 8.21 2.54
N GLU B 47 11.39 8.66 3.30
CA GLU B 47 10.61 9.83 2.86
C GLU B 47 11.51 11.06 2.62
N GLU B 48 12.43 11.33 3.55
CA GLU B 48 13.31 12.50 3.40
C GLU B 48 14.20 12.36 2.16
N GLU B 49 14.66 11.14 1.87
CA GLU B 49 15.42 10.94 0.63
C GLU B 49 14.57 11.21 -0.62
N MET B 50 13.32 10.74 -0.62
CA MET B 50 12.39 11.06 -1.69
C MET B 50 12.21 12.57 -1.87
N GLN B 51 11.86 13.25 -0.77
CA GLN B 51 11.45 14.65 -0.85
C GLN B 51 12.63 15.55 -1.15
N SER B 52 13.77 15.25 -0.56
CA SER B 52 14.95 16.12 -0.67
C SER B 52 15.63 16.05 -2.02
N THR B 53 15.31 15.04 -2.83
CA THR B 53 15.94 14.88 -4.14
C THR B 53 14.99 15.16 -5.32
N VAL B 54 13.88 15.86 -5.05
CA VAL B 54 13.06 16.43 -6.12
C VAL B 54 13.83 17.61 -6.73
N ARG B 55 13.87 17.66 -8.06
CA ARG B 55 14.41 18.83 -8.76
C ARG B 55 13.49 19.21 -9.90
N GLU B 56 13.76 20.36 -10.51
CA GLU B 56 13.10 20.76 -11.75
C GLU B 56 13.74 20.02 -12.91
N HIS B 57 12.93 19.71 -13.91
CA HIS B 57 13.37 18.99 -15.08
C HIS B 57 13.26 19.89 -16.30
N ARG B 58 14.17 19.68 -17.24
CA ARG B 58 14.27 20.52 -18.43
C ARG B 58 13.07 20.39 -19.38
N ASP B 59 12.26 19.34 -19.20
CA ASP B 59 11.01 19.19 -19.95
C ASP B 59 9.83 19.96 -19.36
N GLY B 60 10.07 20.77 -18.32
CA GLY B 60 9.04 21.58 -17.72
C GLY B 60 7.96 20.76 -17.02
N GLY B 61 8.25 19.49 -16.74
CA GLY B 61 7.25 18.55 -16.20
C GLY B 61 6.51 17.66 -17.18
N HIS B 62 6.86 17.71 -18.47
CA HIS B 62 6.18 16.91 -19.50
C HIS B 62 6.10 15.41 -19.16
N ALA B 63 7.21 14.81 -18.77
CA ALA B 63 7.27 13.36 -18.56
C ALA B 63 6.69 12.95 -17.20
N GLY B 64 7.15 13.63 -16.14
CA GLY B 64 6.81 13.25 -14.76
C GLY B 64 5.74 14.05 -14.06
N GLY B 65 5.37 15.19 -14.62
CA GLY B 65 4.42 16.11 -14.02
C GLY B 65 5.04 17.29 -13.32
N ILE B 66 4.18 18.23 -12.91
CA ILE B 66 4.59 19.47 -12.27
C ILE B 66 4.38 19.36 -10.77
N PHE B 67 5.47 19.42 -10.02
CA PHE B 67 5.43 19.25 -8.56
C PHE B 67 6.77 19.61 -7.95
N ASN B 68 6.71 20.02 -6.68
CA ASN B 68 7.89 20.26 -5.85
C ASN B 68 8.07 19.25 -4.73
N ARG B 69 7.01 18.50 -4.41
CA ARG B 69 7.06 17.52 -3.34
C ARG B 69 6.02 16.43 -3.60
N TYR B 70 6.09 15.38 -2.78
CA TYR B 70 5.20 14.24 -2.87
C TYR B 70 4.32 14.16 -1.63
N ASN B 71 3.19 13.48 -1.80
CA ASN B 71 2.43 12.93 -0.67
C ASN B 71 2.76 11.45 -0.56
N ILE B 72 3.55 11.07 0.45
CA ILE B 72 3.94 9.67 0.65
C ILE B 72 2.79 8.94 1.34
N LEU B 73 2.29 7.90 0.70
CA LEU B 73 1.13 7.15 1.18
C LEU B 73 1.52 5.90 1.96
N LYS B 74 2.57 5.21 1.49
CA LYS B 74 3.03 3.98 2.11
C LYS B 74 4.48 3.72 1.73
N ILE B 75 5.23 3.15 2.66
CA ILE B 75 6.58 2.63 2.38
C ILE B 75 6.66 1.19 2.92
N GLN B 76 6.99 0.26 2.05
CA GLN B 76 7.09 -1.16 2.40
C GLN B 76 8.49 -1.69 2.18
N LYS B 77 8.93 -2.52 3.11
CA LYS B 77 10.16 -3.29 2.92
C LYS B 77 9.84 -4.50 2.08
N VAL B 78 10.69 -4.78 1.10
CA VAL B 78 10.53 -5.91 0.19
C VAL B 78 11.45 -7.03 0.67
N CYS B 79 10.87 -8.17 1.03
CA CYS B 79 11.63 -9.27 1.63
C CYS B 79 11.52 -10.50 0.75
N ASN B 80 12.64 -10.91 0.18
CA ASN B 80 12.69 -12.13 -0.62
C ASN B 80 14.07 -12.76 -0.39
N LYS B 81 14.09 -13.91 0.28
CA LYS B 81 15.36 -14.54 0.68
C LYS B 81 16.17 -14.96 -0.55
N LYS B 82 15.52 -15.55 -1.54
CA LYS B 82 16.17 -15.99 -2.78
C LYS B 82 16.79 -14.80 -3.53
N LEU B 83 16.01 -13.73 -3.73
CA LEU B 83 16.52 -12.53 -4.41
C LEU B 83 17.64 -11.83 -3.62
N TRP B 84 17.53 -11.81 -2.30
CA TRP B 84 18.56 -11.22 -1.46
C TRP B 84 19.88 -11.99 -1.60
N GLU B 85 19.80 -13.31 -1.58
CA GLU B 85 20.99 -14.15 -1.70
C GLU B 85 21.65 -14.04 -3.08
N ARG B 86 20.82 -13.89 -4.13
CA ARG B 86 21.29 -13.62 -5.48
C ARG B 86 22.07 -12.30 -5.51
N TYR B 87 21.47 -11.28 -4.89
CA TYR B 87 22.12 -9.97 -4.75
C TYR B 87 23.46 -10.02 -3.97
N THR B 88 23.48 -10.66 -2.80
CA THR B 88 24.69 -10.71 -1.96
C THR B 88 25.82 -11.54 -2.56
N HIS B 89 25.46 -12.57 -3.32
CA HIS B 89 26.44 -13.39 -4.04
C HIS B 89 27.18 -12.56 -5.08
N ARG B 90 26.42 -11.79 -5.87
CA ARG B 90 27.00 -10.90 -6.87
C ARG B 90 27.79 -9.76 -6.21
N ARG B 91 27.27 -9.19 -5.13
CA ARG B 91 27.96 -8.10 -4.43
C ARG B 91 29.37 -8.55 -3.97
N LYS B 92 29.44 -9.78 -3.46
CA LYS B 92 30.71 -10.38 -3.03
C LYS B 92 31.68 -10.55 -4.19
N GLU B 93 31.19 -11.04 -5.33
CA GLU B 93 32.00 -11.17 -6.56
C GLU B 93 32.55 -9.81 -6.98
N VAL B 94 31.66 -8.82 -7.04
CA VAL B 94 32.05 -7.49 -7.48
C VAL B 94 33.03 -6.86 -6.49
N SER B 95 32.75 -6.99 -5.20
CA SER B 95 33.60 -6.46 -4.15
C SER B 95 35.03 -6.99 -4.26
N GLU B 96 35.16 -8.30 -4.44
CA GLU B 96 36.48 -8.94 -4.56
C GLU B 96 37.21 -8.49 -5.83
N GLU B 97 36.50 -8.41 -6.94
CA GLU B 97 37.04 -7.87 -8.18
C GLU B 97 37.51 -6.41 -8.06
N ASN B 98 36.81 -5.62 -7.24
CA ASN B 98 37.14 -4.21 -7.04
C ASN B 98 37.91 -3.99 -5.74
N HIS B 99 38.76 -4.96 -5.38
CA HIS B 99 39.70 -4.82 -4.27
C HIS B 99 39.02 -4.51 -2.94
N ASN B 100 38.00 -5.33 -2.67
CA ASN B 100 37.20 -5.31 -1.43
CA ASN B 100 37.22 -5.30 -1.41
C ASN B 100 36.41 -4.01 -1.25
N HIS B 101 35.78 -3.57 -2.34
CA HIS B 101 34.92 -2.37 -2.34
C HIS B 101 33.71 -2.62 -3.21
N ALA B 102 32.56 -2.86 -2.59
CA ALA B 102 31.33 -3.04 -3.34
C ALA B 102 30.81 -1.75 -3.97
N ASN B 103 31.11 -0.61 -3.36
CA ASN B 103 30.62 0.69 -3.84
C ASN B 103 29.10 0.65 -3.94
N GLU B 104 28.50 0.29 -2.82
CA GLU B 104 27.07 0.06 -2.74
C GLU B 104 26.35 1.36 -2.40
N ARG B 105 25.27 1.62 -3.14
CA ARG B 105 24.48 2.85 -3.00
C ARG B 105 23.01 2.50 -2.78
N MET B 106 22.26 3.47 -2.26
CA MET B 106 20.80 3.43 -2.30
C MET B 106 20.34 4.43 -3.37
N LEU B 107 19.58 3.94 -4.36
CA LEU B 107 19.17 4.72 -5.53
C LEU B 107 17.74 4.43 -5.94
N PHE B 108 17.12 5.40 -6.59
CA PHE B 108 15.73 5.25 -7.03
C PHE B 108 15.61 4.53 -8.36
N HIS B 109 14.50 3.80 -8.53
CA HIS B 109 14.15 3.20 -9.82
C HIS B 109 12.64 3.32 -10.04
N GLY B 110 12.27 3.91 -11.18
CA GLY B 110 10.88 4.02 -11.61
C GLY B 110 10.70 3.16 -12.85
N SER B 111 9.57 2.44 -12.94
CA SER B 111 9.35 1.55 -14.07
C SER B 111 7.90 1.09 -14.13
N PRO B 112 7.36 0.91 -15.35
CA PRO B 112 6.08 0.20 -15.43
C PRO B 112 6.09 -1.23 -14.88
N PHE B 113 7.28 -1.84 -14.77
CA PHE B 113 7.43 -3.24 -14.30
C PHE B 113 7.75 -3.40 -12.81
N VAL B 114 7.51 -2.35 -12.01
CA VAL B 114 7.79 -2.43 -10.56
CA VAL B 114 7.76 -2.40 -10.56
C VAL B 114 7.19 -3.66 -9.89
N ASN B 115 5.96 -4.05 -10.25
CA ASN B 115 5.36 -5.22 -9.60
C ASN B 115 6.07 -6.51 -10.00
N ALA B 116 6.48 -6.63 -11.26
CA ALA B 116 7.31 -7.76 -11.69
C ALA B 116 8.68 -7.79 -10.98
N ILE B 117 9.26 -6.61 -10.77
CA ILE B 117 10.60 -6.53 -10.17
C ILE B 117 10.63 -7.02 -8.72
N ILE B 118 9.63 -6.63 -7.94
CA ILE B 118 9.61 -6.99 -6.52
C ILE B 118 9.39 -8.50 -6.31
N HIS B 119 8.78 -9.17 -7.29
CA HIS B 119 8.53 -10.62 -7.21
C HIS B 119 9.62 -11.47 -7.84
N LYS B 120 10.14 -11.04 -8.99
CA LYS B 120 11.10 -11.81 -9.78
C LYS B 120 12.53 -11.28 -9.75
N GLY B 121 12.72 -10.06 -9.24
CA GLY B 121 14.03 -9.39 -9.25
C GLY B 121 14.30 -8.68 -10.56
N PHE B 122 15.35 -7.87 -10.57
CA PHE B 122 15.80 -7.22 -11.80
C PHE B 122 16.43 -8.23 -12.76
N ASP B 123 16.22 -8.02 -14.07
CA ASP B 123 16.86 -8.80 -15.13
C ASP B 123 16.79 -8.01 -16.45
N GLU B 124 17.20 -8.62 -17.56
CA GLU B 124 17.26 -7.93 -18.87
C GLU B 124 15.96 -7.27 -19.35
N ARG B 125 14.81 -7.82 -18.94
CA ARG B 125 13.51 -7.25 -19.31
C ARG B 125 13.28 -5.84 -18.73
N HIS B 126 14.04 -5.49 -17.69
CA HIS B 126 13.91 -4.19 -17.02
C HIS B 126 14.94 -3.15 -17.47
N ALA B 127 15.76 -3.52 -18.47
CA ALA B 127 16.75 -2.61 -19.03
C ALA B 127 16.12 -1.58 -19.94
N TYR B 128 16.77 -0.42 -19.98
CA TYR B 128 16.39 0.69 -20.85
C TYR B 128 17.30 0.59 -22.06
N ILE B 129 16.76 -0.01 -23.12
CA ILE B 129 17.56 -0.39 -24.29
C ILE B 129 18.13 0.86 -24.96
N GLY B 130 17.33 1.90 -25.08
CA GLY B 130 17.75 3.16 -25.70
C GLY B 130 18.36 4.21 -24.78
N GLY B 131 18.79 3.81 -23.58
CA GLY B 131 19.37 4.77 -22.65
C GLY B 131 20.71 5.30 -23.15
N MET B 132 21.05 6.50 -22.71
CA MET B 132 22.24 7.20 -23.20
C MET B 132 23.58 6.53 -22.84
N PHE B 133 23.60 5.67 -21.83
CA PHE B 133 24.79 4.88 -21.49
C PHE B 133 24.66 3.39 -21.83
N GLY B 134 23.89 3.08 -22.87
CA GLY B 134 23.73 1.71 -23.35
C GLY B 134 22.61 0.98 -22.68
N ALA B 135 22.31 -0.20 -23.21
CA ALA B 135 21.24 -1.06 -22.72
C ALA B 135 21.61 -1.67 -21.37
N GLY B 136 21.10 -1.05 -20.32
CA GLY B 136 21.32 -1.52 -18.97
C GLY B 136 20.16 -1.07 -18.11
N ILE B 137 20.26 -1.32 -16.81
CA ILE B 137 19.20 -0.96 -15.88
C ILE B 137 19.63 0.34 -15.20
N TYR B 138 18.75 1.34 -15.24
CA TYR B 138 19.07 2.70 -14.87
C TYR B 138 18.50 3.07 -13.49
N PHE B 139 19.30 3.78 -12.71
CA PHE B 139 18.91 4.23 -11.37
C PHE B 139 19.26 5.71 -11.22
N ALA B 140 18.54 6.41 -10.35
CA ALA B 140 18.73 7.85 -10.13
C ALA B 140 18.95 8.23 -8.68
N GLU B 141 19.82 9.22 -8.46
CA GLU B 141 19.88 9.92 -7.18
C GLU B 141 18.69 10.85 -6.97
N ASN B 142 18.17 11.45 -8.05
CA ASN B 142 16.97 12.29 -7.97
C ASN B 142 15.72 11.42 -8.05
N SER B 143 14.92 11.40 -6.98
CA SER B 143 13.63 10.70 -7.03
C SER B 143 12.77 11.17 -8.20
N SER B 144 12.80 12.47 -8.49
CA SER B 144 11.99 13.02 -9.58
C SER B 144 12.45 12.58 -10.96
N LYS B 145 13.71 12.19 -11.11
CA LYS B 145 14.17 11.57 -12.37
C LYS B 145 13.49 10.21 -12.55
N SER B 146 13.53 9.37 -11.51
CA SER B 146 12.85 8.07 -11.56
C SER B 146 11.34 8.19 -11.75
N ASN B 147 10.73 9.22 -11.16
CA ASN B 147 9.30 9.51 -11.33
C ASN B 147 8.92 9.69 -12.81
N GLN B 148 9.85 10.17 -13.61
CA GLN B 148 9.61 10.30 -15.05
C GLN B 148 9.39 8.99 -15.80
N TYR B 149 9.71 7.84 -15.19
CA TYR B 149 9.60 6.54 -15.83
C TYR B 149 8.50 5.65 -15.24
N VAL B 150 7.78 6.14 -14.24
CA VAL B 150 6.70 5.37 -13.59
C VAL B 150 5.66 4.87 -14.60
N TYR B 151 5.32 5.73 -15.54
CA TYR B 151 4.33 5.38 -16.56
C TYR B 151 4.95 5.04 -17.91
N GLY B 152 6.25 4.78 -17.93
CA GLY B 152 6.97 4.39 -19.14
C GLY B 152 7.98 5.45 -19.55
N ILE B 153 8.72 5.13 -20.61
CA ILE B 153 9.72 6.06 -21.18
C ILE B 153 9.01 7.35 -21.60
N GLY B 154 9.56 8.49 -21.18
CA GLY B 154 8.94 9.80 -21.41
C GLY B 154 7.62 10.02 -20.69
N GLY B 155 7.35 9.19 -19.67
CA GLY B 155 6.06 9.18 -18.97
C GLY B 155 4.94 8.50 -19.73
N GLY B 156 5.26 7.85 -20.87
CA GLY B 156 4.25 7.19 -21.69
C GLY B 156 3.08 8.10 -21.98
N THR B 157 1.86 7.59 -21.75
CA THR B 157 0.65 8.39 -21.87
C THR B 157 0.10 8.79 -20.50
N GLY B 158 0.93 8.73 -19.46
CA GLY B 158 0.52 9.10 -18.11
C GLY B 158 -0.29 8.02 -17.42
N CYS B 159 -1.05 8.42 -16.43
CA CYS B 159 -1.79 7.44 -15.63
C CYS B 159 -2.80 6.71 -16.49
N PRO B 160 -3.07 5.43 -16.20
CA PRO B 160 -4.09 4.67 -16.93
C PRO B 160 -5.49 5.31 -16.92
N VAL B 161 -5.91 5.84 -15.79
CA VAL B 161 -7.28 6.31 -15.60
C VAL B 161 -7.57 7.64 -16.31
N HIS B 162 -6.65 8.60 -16.20
CA HIS B 162 -6.86 9.94 -16.74
C HIS B 162 -5.97 10.30 -17.94
N LYS B 163 -5.06 9.41 -18.33
CA LYS B 163 -4.06 9.71 -19.38
C LYS B 163 -3.32 11.03 -19.14
N ASP B 164 -2.89 11.24 -17.89
CA ASP B 164 -2.35 12.51 -17.44
C ASP B 164 -0.98 12.20 -16.83
N ARG B 165 0.09 12.66 -17.49
CA ARG B 165 1.43 12.51 -16.92
C ARG B 165 1.66 13.32 -15.64
N SER B 166 0.82 14.34 -15.40
CA SER B 166 0.90 15.15 -14.19
C SER B 166 -0.29 14.86 -13.27
N CYS B 167 -0.83 13.65 -13.33
CA CYS B 167 -1.99 13.31 -12.49
C CYS B 167 -1.64 13.46 -11.02
N TYR B 168 -2.50 14.18 -10.29
CA TYR B 168 -2.35 14.39 -8.84
C TYR B 168 -3.25 13.46 -8.02
N ILE B 169 -4.03 12.64 -8.72
CA ILE B 169 -5.02 11.78 -8.07
C ILE B 169 -4.47 10.37 -7.92
N CYS B 170 -4.01 9.80 -9.04
CA CYS B 170 -3.64 8.40 -9.07
C CYS B 170 -2.35 8.13 -8.30
N HIS B 171 -2.34 6.98 -7.63
CA HIS B 171 -1.19 6.53 -6.83
C HIS B 171 -0.09 5.98 -7.73
N ARG B 172 1.15 6.41 -7.47
CA ARG B 172 2.34 5.97 -8.15
C ARG B 172 3.19 5.13 -7.22
N GLN B 173 4.08 4.33 -7.79
CA GLN B 173 5.06 3.57 -7.00
C GLN B 173 6.46 3.75 -7.57
N LEU B 174 7.44 3.90 -6.66
CA LEU B 174 8.88 3.93 -6.98
C LEU B 174 9.57 2.89 -6.11
N LEU B 175 10.73 2.43 -6.54
CA LEU B 175 11.58 1.60 -5.73
C LEU B 175 12.77 2.40 -5.25
N PHE B 176 13.21 2.12 -4.02
CA PHE B 176 14.47 2.66 -3.49
C PHE B 176 15.32 1.42 -3.25
N CYS B 177 16.40 1.30 -4.03
CA CYS B 177 17.10 0.04 -4.25
C CYS B 177 18.52 0.07 -3.75
N ARG B 178 18.98 -1.06 -3.26
CA ARG B 178 20.38 -1.25 -2.96
C ARG B 178 21.07 -1.64 -4.28
N VAL B 179 22.09 -0.89 -4.67
CA VAL B 179 22.74 -1.09 -5.98
C VAL B 179 24.24 -1.20 -5.78
N THR B 180 24.83 -2.26 -6.35
CA THR B 180 26.27 -2.49 -6.27
C THR B 180 26.91 -1.90 -7.52
N LEU B 181 27.72 -0.85 -7.34
CA LEU B 181 28.36 -0.18 -8.50
C LEU B 181 29.71 -0.75 -8.87
N GLY B 182 30.43 -1.30 -7.90
CA GLY B 182 31.82 -1.71 -8.11
C GLY B 182 32.68 -0.56 -8.63
N LYS B 183 33.67 -0.90 -9.45
CA LYS B 183 34.39 0.07 -10.27
C LYS B 183 33.45 0.69 -11.30
N SER B 184 33.10 1.97 -11.12
CA SER B 184 32.14 2.63 -11.99
C SER B 184 32.83 3.55 -13.00
N PHE B 185 32.45 3.41 -14.26
CA PHE B 185 32.99 4.23 -15.34
C PHE B 185 32.30 5.59 -15.34
N LEU B 186 33.06 6.64 -15.15
CA LEU B 186 32.51 7.99 -15.10
C LEU B 186 32.31 8.53 -16.50
N GLN B 187 31.05 8.82 -16.83
CA GLN B 187 30.70 9.42 -18.10
C GLN B 187 30.01 10.75 -17.82
N PHE B 188 30.62 11.86 -18.23
CA PHE B 188 29.94 13.14 -18.18
C PHE B 188 28.94 13.19 -19.32
N SER B 189 27.79 13.80 -19.07
CA SER B 189 26.73 13.89 -20.06
C SER B 189 26.37 15.34 -20.20
N ALA B 190 25.95 15.72 -21.39
CA ALA B 190 25.63 17.11 -21.71
C ALA B 190 24.30 17.60 -21.09
N MET B 191 23.62 16.76 -20.31
CA MET B 191 22.35 17.10 -19.68
C MET B 191 22.59 18.02 -18.47
N MET B 193 20.76 -7.01 -23.27
CA MET B 193 21.49 -6.11 -22.33
C MET B 193 22.98 -6.02 -22.71
N ALA B 194 23.51 -4.81 -22.74
CA ALA B 194 24.92 -4.56 -23.08
C ALA B 194 25.83 -5.01 -21.93
N HIS B 195 27.14 -5.03 -22.18
CA HIS B 195 28.12 -5.31 -21.13
C HIS B 195 28.61 -4.01 -20.53
N SER B 196 29.15 -4.11 -19.32
CA SER B 196 29.80 -2.97 -18.67
C SER B 196 31.07 -2.64 -19.45
N PRO B 197 31.57 -1.39 -19.33
CA PRO B 197 32.89 -1.07 -19.88
C PRO B 197 33.96 -2.03 -19.34
N PRO B 198 34.91 -2.47 -20.20
CA PRO B 198 35.97 -3.36 -19.76
C PRO B 198 36.63 -2.92 -18.44
N GLY B 199 36.71 -3.84 -17.49
CA GLY B 199 37.29 -3.56 -16.18
C GLY B 199 36.40 -2.71 -15.27
N HIS B 200 35.12 -2.57 -15.62
CA HIS B 200 34.16 -1.81 -14.82
C HIS B 200 32.89 -2.63 -14.60
N HIS B 201 32.15 -2.29 -13.55
CA HIS B 201 30.92 -3.00 -13.18
C HIS B 201 29.65 -2.15 -13.35
N SER B 202 29.82 -0.89 -13.72
CA SER B 202 28.70 0.02 -13.86
C SER B 202 29.17 1.27 -14.56
N VAL B 203 28.22 2.14 -14.89
CA VAL B 203 28.49 3.46 -15.44
C VAL B 203 27.84 4.49 -14.54
N THR B 204 28.57 5.58 -14.27
CA THR B 204 28.06 6.75 -13.58
C THR B 204 27.86 7.85 -14.62
N GLY B 205 26.61 8.24 -14.84
CA GLY B 205 26.26 9.30 -15.76
C GLY B 205 26.12 10.58 -14.97
N ARG B 206 27.04 11.51 -15.15
CA ARG B 206 27.04 12.72 -14.34
C ARG B 206 26.72 13.93 -15.19
N PRO B 207 25.55 14.57 -14.96
CA PRO B 207 25.20 15.76 -15.72
C PRO B 207 26.25 16.86 -15.57
N SER B 208 26.75 17.36 -16.70
CA SER B 208 27.78 18.40 -16.71
C SER B 208 27.26 19.82 -16.96
N VAL B 209 26.01 19.98 -17.40
CA VAL B 209 25.44 21.31 -17.71
C VAL B 209 24.53 21.80 -16.59
N ASN B 210 23.56 20.97 -16.20
CA ASN B 210 22.69 21.27 -15.07
C ASN B 210 23.42 20.88 -13.79
N GLY B 211 23.96 21.89 -13.11
CA GLY B 211 24.67 21.67 -11.86
C GLY B 211 23.81 21.24 -10.68
N LEU B 212 22.49 21.36 -10.79
CA LEU B 212 21.58 20.85 -9.76
C LEU B 212 21.11 19.42 -10.01
N ALA B 213 21.41 18.87 -11.18
CA ALA B 213 20.99 17.51 -11.50
C ALA B 213 21.97 16.55 -10.88
N LEU B 214 21.45 15.53 -10.20
CA LEU B 214 22.29 14.51 -9.59
C LEU B 214 22.60 13.39 -10.57
N ALA B 215 23.46 12.47 -10.16
CA ALA B 215 23.93 11.43 -11.06
C ALA B 215 22.90 10.35 -11.33
N GLU B 216 23.10 9.68 -12.45
CA GLU B 216 22.33 8.51 -12.83
C GLU B 216 23.34 7.39 -12.98
N TYR B 217 22.89 6.16 -12.76
CA TYR B 217 23.78 5.01 -12.73
C TYR B 217 23.18 3.88 -13.55
N VAL B 218 24.04 3.11 -14.21
CA VAL B 218 23.63 2.00 -15.05
C VAL B 218 24.39 0.75 -14.63
N ILE B 219 23.64 -0.33 -14.42
CA ILE B 219 24.21 -1.66 -14.22
C ILE B 219 23.76 -2.55 -15.38
N TYR B 220 24.57 -3.57 -15.64
CA TYR B 220 24.36 -4.46 -16.78
C TYR B 220 24.11 -5.90 -16.35
N ARG B 221 23.92 -6.11 -15.06
CA ARG B 221 23.56 -7.38 -14.48
C ARG B 221 22.46 -7.10 -13.45
N GLY B 222 21.32 -7.74 -13.60
CA GLY B 222 20.21 -7.57 -12.65
C GLY B 222 20.53 -7.95 -11.22
N GLU B 223 21.48 -8.85 -11.03
CA GLU B 223 21.92 -9.27 -9.71
C GLU B 223 22.67 -8.20 -8.90
N GLN B 224 23.04 -7.09 -9.54
CA GLN B 224 23.67 -5.96 -8.85
C GLN B 224 22.68 -4.96 -8.27
N ALA B 225 21.39 -5.29 -8.23
CA ALA B 225 20.42 -4.44 -7.54
C ALA B 225 19.40 -5.28 -6.76
N TYR B 226 18.95 -4.75 -5.64
CA TYR B 226 17.91 -5.39 -4.83
C TYR B 226 16.86 -4.34 -4.54
N PRO B 227 15.57 -4.65 -4.79
CA PRO B 227 14.52 -3.64 -4.64
C PRO B 227 14.05 -3.52 -3.20
N GLU B 228 14.81 -2.80 -2.38
CA GLU B 228 14.65 -2.87 -0.94
C GLU B 228 13.36 -2.25 -0.37
N TYR B 229 12.97 -1.11 -0.93
CA TYR B 229 11.77 -0.39 -0.47
C TYR B 229 10.85 -0.11 -1.65
N LEU B 230 9.55 -0.32 -1.42
CA LEU B 230 8.49 0.03 -2.35
C LEU B 230 7.73 1.21 -1.76
N ILE B 231 7.73 2.32 -2.50
CA ILE B 231 7.17 3.57 -2.03
C ILE B 231 5.94 3.89 -2.86
N THR B 232 4.80 4.09 -2.19
CA THR B 232 3.54 4.46 -2.86
C THR B 232 3.27 5.93 -2.53
N TYR B 233 2.93 6.72 -3.54
CA TYR B 233 2.87 8.16 -3.40
C TYR B 233 2.01 8.84 -4.46
N GLN B 234 1.72 10.11 -4.23
CA GLN B 234 1.18 11.02 -5.24
C GLN B 234 2.16 12.16 -5.40
N ILE B 235 2.24 12.71 -6.59
CA ILE B 235 2.84 14.04 -6.74
C ILE B 235 1.83 15.08 -6.26
N MET B 236 2.32 16.17 -5.69
CA MET B 236 1.44 17.23 -5.17
C MET B 236 1.43 18.45 -6.08
N ARG B 237 0.25 18.99 -6.34
CA ARG B 237 0.12 20.22 -7.13
C ARG B 237 0.70 21.41 -6.34
N PRO B 238 1.63 22.17 -6.94
CA PRO B 238 2.18 23.33 -6.21
C PRO B 238 1.09 24.35 -5.86
N GLU B 239 1.21 24.96 -4.68
CA GLU B 239 0.27 26.00 -4.25
C GLU B 239 0.43 27.24 -5.10
S SO4 C . -2.40 -6.76 1.47
S SO4 C . -2.66 -6.58 1.24
O1 SO4 C . -1.50 -7.18 2.57
O1 SO4 C . -3.61 -5.89 0.34
O2 SO4 C . -1.76 -5.61 0.77
O2 SO4 C . -1.38 -5.82 1.28
O3 SO4 C . -2.59 -7.87 0.53
O3 SO4 C . -2.42 -7.96 0.77
O4 SO4 C . -3.69 -6.32 2.01
O4 SO4 C . -3.16 -6.61 2.63
S SO4 D . -6.78 -25.34 6.62
O1 SO4 D . -7.14 -24.44 7.76
O2 SO4 D . -5.88 -26.41 7.10
O3 SO4 D . -6.09 -24.59 5.56
O4 SO4 D . -8.02 -25.93 6.07
ZN ZN E . -2.73 -14.75 22.37
CAA 9A8 F . -5.93 1.18 14.93
CAA 9A8 F . -6.30 4.45 15.65
CAB 9A8 F . -5.97 2.70 14.80
CAB 9A8 F . -7.31 3.83 14.67
CAC 9A8 F . -6.02 3.30 16.21
CAC 9A8 F . -8.70 4.10 15.17
OAD 9A8 F . -7.15 3.10 14.08
OAD 9A8 F . -7.10 2.41 14.60
CAE 9A8 F . -7.59 2.28 13.09
CAE 9A8 F . -7.50 1.80 13.42
CAJ 9A8 F . -6.90 2.22 11.89
CAJ 9A8 F . -8.66 1.06 13.41
CAI 9A8 F . -7.33 1.38 10.87
CAI 9A8 F . -9.08 0.41 12.25
CAF 9A8 F . -8.75 1.53 13.24
CAF 9A8 F . -6.75 1.87 12.25
CAG 9A8 F . -9.20 0.70 12.22
CAG 9A8 F . -7.16 1.22 11.07
CAH 9A8 F . -8.48 0.62 11.03
CAH 9A8 F . -8.34 0.47 11.06
CAK 9A8 F . -8.89 -0.19 9.96
CAK 9A8 F . -8.83 -0.20 9.93
NAL 9A8 F . -8.35 0.06 8.76
NAL 9A8 F . -8.33 0.02 8.70
CAM 9A8 F . -8.69 -0.65 7.68
CAM 9A8 F . -8.82 -0.63 7.62
CAR 9A8 F . -8.09 -0.33 6.47
CAR 9A8 F . -8.27 -0.34 6.37
CAQ 9A8 F . -8.42 -1.03 5.33
CAQ 9A8 F . -8.75 -0.98 5.25
CAP 9A8 F . -9.36 -2.05 5.39
CAP 9A8 F . -9.81 -1.89 5.34
CAO 9A8 F . -9.96 -2.38 6.60
CAO 9A8 F . -10.37 -2.16 6.58
CAN 9A8 F . -9.64 -1.68 7.76
CAN 9A8 F . -9.88 -1.53 7.72
CAS 9A8 F . -10.21 -1.97 8.99
CAS 9A8 F . -10.40 -1.79 8.98
OAT 9A8 F . -11.02 -2.87 9.15
OAT 9A8 F . -11.31 -2.60 9.18
NAU 9A8 F . -9.83 -1.21 10.10
NAU 9A8 F . -9.87 -1.12 10.08
C1 GOL G . -6.95 -6.00 -12.57
O1 GOL G . -6.28 -4.76 -12.93
C2 GOL G . -6.38 -6.57 -11.27
O2 GOL G . -5.07 -7.14 -11.42
C3 GOL G . -6.28 -5.46 -10.24
O3 GOL G . -6.35 -6.03 -8.92
C1 GOL H . -6.10 1.26 1.76
O1 GOL H . -7.45 1.18 2.26
C2 GOL H . -5.11 0.59 2.71
O2 GOL H . -5.41 -0.81 2.87
C3 GOL H . -5.13 1.29 4.07
O3 GOL H . -4.53 2.59 3.94
S SO4 I . 16.14 16.38 -17.19
O1 SO4 I . 17.36 15.69 -16.73
O2 SO4 I . 16.06 17.68 -16.50
O3 SO4 I . 16.32 16.50 -18.65
O4 SO4 I . 14.99 15.52 -16.88
S SO4 J . 4.37 23.51 -2.99
O1 SO4 J . 5.27 23.61 -1.83
O2 SO4 J . 3.21 24.42 -2.84
O3 SO4 J . 3.90 22.11 -3.14
O4 SO4 J . 5.09 23.93 -4.21
ZN ZN K . -4.88 9.68 -12.92
CAA 9A8 L . 12.04 -1.40 -18.95
CAA 9A8 L . 9.84 0.62 -20.66
CAB 9A8 L . 10.99 -0.30 -19.13
CAB 9A8 L . 11.37 0.61 -20.53
CAC 9A8 L . 9.96 -0.72 -20.17
CAC 9A8 L . 11.85 -0.33 -21.59
OAD 9A8 L . 11.62 0.87 -19.66
OAD 9A8 L . 11.73 0.13 -19.24
CAE 9A8 L . 12.27 1.65 -18.76
CAE 9A8 L . 12.35 1.10 -18.52
CAJ 9A8 L . 13.08 2.66 -19.23
CAJ 9A8 L . 13.02 2.14 -19.14
CAI 9A8 L . 13.76 3.49 -18.35
CAI 9A8 L . 13.66 3.11 -18.37
CAF 9A8 L . 12.13 1.45 -17.39
CAF 9A8 L . 12.31 1.02 -17.14
CAG 9A8 L . 12.81 2.28 -16.51
CAG 9A8 L . 12.94 1.99 -16.37
CAH 9A8 L . 13.61 3.31 -16.98
CAH 9A8 L . 13.59 3.06 -16.99
CAK 9A8 L . 14.32 4.14 -16.11
CAK 9A8 L . 14.24 4.00 -16.20
NAL 9A8 L . 15.27 4.94 -16.61
NAL 9A8 L . 15.17 4.78 -16.76
CAM 9A8 L . 15.99 5.74 -15.81
CAM 9A8 L . 15.83 5.70 -16.03
CAR 9A8 L . 16.96 6.56 -16.39
CAR 9A8 L . 16.77 6.49 -16.67
CAQ 9A8 L . 17.73 7.37 -15.57
CAQ 9A8 L . 17.48 7.43 -15.96
CAP 9A8 L . 17.53 7.38 -14.20
CAP 9A8 L . 17.24 7.58 -14.60
CAO 9A8 L . 16.55 6.57 -13.62
CAO 9A8 L . 16.28 6.79 -13.96
CAN 9A8 L . 15.79 5.74 -14.43
CAN 9A8 L . 15.58 5.85 -14.67
CAS 9A8 L . 14.80 4.93 -13.88
CAS 9A8 L . 14.60 5.05 -14.06
OAT 9A8 L . 14.55 4.90 -12.67
OAT 9A8 L . 14.33 5.14 -12.87
NAU 9A8 L . 14.08 4.11 -14.74
NAU 9A8 L . 13.95 4.11 -14.84
C1 GOL M . 9.11 20.55 -13.36
O1 GOL M . 10.13 19.81 -14.01
C2 GOL M . 8.60 19.77 -12.16
O2 GOL M . 7.73 20.67 -11.48
C3 GOL M . 9.73 19.32 -11.23
O3 GOL M . 9.59 18.01 -10.65
#